data_6DZE
#
_entry.id   6DZE
#
_entity_poly.entity_id   1
_entity_poly.type   'polypeptide(L)'
_entity_poly.pdbx_seq_one_letter_code
;GSRRFRF(DPR)PKIIFNQR
;
_entity_poly.pdbx_strand_id   A
#
# COMPACT_ATOMS: atom_id res chain seq x y z
N GLY A 1 -7.05 -2.77 -1.32
CA GLY A 1 -7.88 -2.16 -0.28
C GLY A 1 -8.23 -0.72 -0.65
N SER A 2 -7.42 0.22 -0.19
CA SER A 2 -7.65 1.63 -0.49
C SER A 2 -6.74 2.10 -1.61
N ARG A 3 -6.88 1.49 -2.77
CA ARG A 3 -6.06 1.86 -3.93
C ARG A 3 -4.58 1.65 -3.62
N ARG A 4 -3.77 2.67 -3.85
CA ARG A 4 -2.34 2.59 -3.59
C ARG A 4 -1.98 3.38 -2.34
N PHE A 5 -1.83 2.67 -1.23
CA PHE A 5 -1.48 3.31 0.03
C PHE A 5 -0.01 3.02 0.36
N ARG A 6 0.85 3.26 -0.62
CA ARG A 6 2.28 3.04 -0.45
C ARG A 6 2.89 4.10 0.44
N PHE A 7 3.58 3.66 1.50
CA PHE A 7 4.20 4.57 2.44
C PHE A 7 5.72 4.39 2.49
N DPR A 8 6.44 5.01 1.59
CA DPR A 8 7.92 4.92 1.54
CB DPR A 8 8.25 5.25 0.09
CG DPR A 8 7.16 6.18 -0.35
CD DPR A 8 5.92 5.89 0.53
C DPR A 8 8.42 3.50 1.89
O DPR A 8 7.87 2.52 1.40
HA DPR A 8 8.36 5.66 2.18
HB2 DPR A 8 9.20 5.74 0.02
HB3 DPR A 8 8.23 4.36 -0.52
HG2 DPR A 8 7.47 7.21 -0.22
HG3 DPR A 8 6.91 6.00 -1.39
HD2 DPR A 8 5.55 6.81 0.95
HD3 DPR A 8 5.16 5.39 -0.04
N PRO A 9 9.43 3.36 2.73
CA PRO A 9 9.97 2.02 3.12
C PRO A 9 8.86 1.04 3.47
N LYS A 10 7.66 1.58 3.63
CA LYS A 10 6.50 0.75 3.96
C LYS A 10 5.66 0.52 2.70
N ILE A 11 4.89 -0.55 2.68
CA ILE A 11 4.07 -0.86 1.52
C ILE A 11 2.70 -1.40 1.95
N ILE A 12 1.68 -0.54 1.85
CA ILE A 12 0.33 -0.95 2.21
C ILE A 12 -0.55 -0.90 0.96
N PHE A 13 -0.45 -1.96 0.17
CA PHE A 13 -1.20 -2.08 -1.07
C PHE A 13 -1.11 -3.53 -1.55
N ASN A 14 -0.08 -4.22 -1.06
CA ASN A 14 0.13 -5.62 -1.41
C ASN A 14 -1.20 -6.36 -1.43
N GLN A 15 -2.04 -6.12 -0.43
CA GLN A 15 -3.34 -6.77 -0.35
C GLN A 15 -4.45 -5.80 -0.74
N ARG A 16 -4.17 -4.96 -1.73
CA ARG A 16 -5.15 -3.98 -2.19
C ARG A 16 -5.91 -3.38 -1.02
N GLY A 1 -6.91 -0.85 0.93
CA GLY A 1 -7.61 0.42 1.13
C GLY A 1 -6.99 1.51 0.27
N SER A 2 -7.82 2.14 -0.57
CA SER A 2 -7.34 3.20 -1.43
C SER A 2 -6.22 2.71 -2.34
N ARG A 3 -6.58 1.88 -3.32
CA ARG A 3 -5.60 1.34 -4.25
C ARG A 3 -4.56 0.50 -3.51
N ARG A 4 -3.29 0.76 -3.78
CA ARG A 4 -2.21 0.03 -3.14
C ARG A 4 -2.03 0.50 -1.71
N PHE A 5 -1.45 -0.35 -0.87
CA PHE A 5 -1.21 0.00 0.52
C PHE A 5 0.21 0.54 0.67
N ARG A 6 0.61 1.32 -0.32
CA ARG A 6 1.94 1.92 -0.32
C ARG A 6 2.00 3.04 0.71
N PHE A 7 2.73 2.80 1.79
CA PHE A 7 2.83 3.76 2.88
C PHE A 7 4.26 4.28 3.03
N DPR A 8 4.63 5.29 2.27
CA DPR A 8 5.99 5.88 2.34
CB DPR A 8 6.16 6.52 0.96
CG DPR A 8 4.77 6.90 0.54
CD DPR A 8 3.80 5.97 1.26
C DPR A 8 7.08 4.82 2.59
O DPR A 8 7.18 3.86 1.84
HA DPR A 8 6.01 6.66 3.09
HB2 DPR A 8 6.79 7.39 1.03
HB3 DPR A 8 6.57 5.80 0.26
HG2 DPR A 8 4.58 7.93 0.81
HG3 DPR A 8 4.67 6.77 -0.53
HD2 DPR A 8 3.02 6.53 1.74
HD3 DPR A 8 3.38 5.25 0.58
N PRO A 9 7.91 4.98 3.61
CA PRO A 9 8.99 3.99 3.91
C PRO A 9 8.50 2.55 3.82
N LYS A 10 7.19 2.39 3.79
CA LYS A 10 6.59 1.06 3.70
C LYS A 10 5.92 0.86 2.35
N ILE A 11 6.31 -0.21 1.66
CA ILE A 11 5.75 -0.52 0.36
C ILE A 11 4.95 -1.82 0.44
N ILE A 12 3.68 -1.72 0.83
CA ILE A 12 2.84 -2.91 0.93
C ILE A 12 1.80 -2.91 -0.18
N PHE A 13 2.28 -3.12 -1.39
CA PHE A 13 1.42 -3.16 -2.57
C PHE A 13 0.59 -4.44 -2.56
N ASN A 14 -0.25 -4.58 -1.54
CA ASN A 14 -1.09 -5.76 -1.40
C ASN A 14 -2.53 -5.44 -1.79
N GLN A 15 -2.87 -4.16 -1.83
CA GLN A 15 -4.21 -3.74 -2.18
C GLN A 15 -5.20 -4.08 -1.07
N ARG A 16 -5.79 -3.05 -0.48
CA ARG A 16 -6.76 -3.25 0.60
C ARG A 16 -7.60 -1.99 0.81
N GLY A 1 -7.99 -1.94 -0.94
CA GLY A 1 -9.34 -1.88 -1.48
C GLY A 1 -9.39 -0.95 -2.69
N SER A 2 -9.90 0.27 -2.47
CA SER A 2 -10.00 1.24 -3.54
C SER A 2 -8.63 1.54 -4.13
N ARG A 3 -7.88 2.41 -3.47
CA ARG A 3 -6.55 2.77 -3.95
C ARG A 3 -5.49 1.92 -3.22
N ARG A 4 -4.23 2.35 -3.29
CA ARG A 4 -3.15 1.62 -2.64
C ARG A 4 -2.66 2.35 -1.39
N PHE A 5 -1.86 1.67 -0.60
CA PHE A 5 -1.31 2.27 0.60
C PHE A 5 0.18 1.95 0.67
N ARG A 6 0.96 2.88 1.22
CA ARG A 6 2.40 2.65 1.30
C ARG A 6 3.06 3.70 2.20
N PHE A 7 4.07 3.26 2.94
CA PHE A 7 4.76 4.13 3.88
C PHE A 7 6.22 4.35 3.45
N DPR A 8 6.50 5.38 2.68
CA DPR A 8 7.87 5.70 2.21
CB DPR A 8 7.61 6.41 0.89
CG DPR A 8 6.31 7.11 1.07
CD DPR A 8 5.53 6.37 2.17
C DPR A 8 8.74 4.45 1.99
O DPR A 8 8.67 3.81 0.93
HA DPR A 8 8.35 6.38 2.89
HB2 DPR A 8 8.39 7.12 0.69
HB3 DPR A 8 7.53 5.69 0.08
HG2 DPR A 8 6.48 8.14 1.37
HG3 DPR A 8 5.73 7.09 0.15
HD2 DPR A 8 5.24 7.06 2.96
HD3 DPR A 8 4.67 5.87 1.77
N PRO A 9 9.54 4.07 2.96
CA PRO A 9 10.42 2.87 2.84
C PRO A 9 9.63 1.57 2.72
N LYS A 10 8.58 1.47 3.49
CA LYS A 10 7.73 0.29 3.47
C LYS A 10 6.74 0.36 2.31
N ILE A 11 6.21 -0.79 1.93
CA ILE A 11 5.25 -0.85 0.84
C ILE A 11 4.05 -1.70 1.23
N ILE A 12 2.87 -1.11 1.12
CA ILE A 12 1.62 -1.78 1.44
C ILE A 12 0.71 -1.73 0.22
N PHE A 13 1.29 -2.15 -0.91
CA PHE A 13 0.57 -2.13 -2.18
C PHE A 13 -0.24 -3.42 -2.35
N ASN A 14 0.18 -4.47 -1.64
CA ASN A 14 -0.52 -5.75 -1.71
C ASN A 14 -1.97 -5.59 -1.29
N GLN A 15 -2.29 -6.02 -0.07
CA GLN A 15 -3.64 -5.92 0.45
C GLN A 15 -4.13 -4.48 0.35
N ARG A 16 -5.27 -4.28 -0.33
CA ARG A 16 -5.83 -2.94 -0.48
C ARG A 16 -7.22 -3.01 -1.10
N GLY A 1 -8.36 -1.69 0.76
CA GLY A 1 -8.18 -0.25 0.94
C GLY A 1 -7.79 0.40 -0.39
N SER A 2 -7.09 1.52 -0.30
CA SER A 2 -6.66 2.24 -1.50
C SER A 2 -6.15 1.26 -2.55
N ARG A 3 -6.09 1.69 -3.80
CA ARG A 3 -5.62 0.83 -4.88
C ARG A 3 -4.30 0.18 -4.50
N ARG A 4 -3.69 0.70 -3.44
CA ARG A 4 -2.42 0.16 -2.96
C ARG A 4 -2.01 0.83 -1.65
N PHE A 5 -1.35 0.08 -0.78
CA PHE A 5 -0.91 0.61 0.50
C PHE A 5 0.58 0.93 0.47
N ARG A 6 0.90 2.17 0.12
CA ARG A 6 2.29 2.61 0.05
C ARG A 6 2.48 3.78 1.00
N PHE A 7 3.01 3.50 2.19
CA PHE A 7 3.18 4.52 3.21
C PHE A 7 4.66 4.77 3.53
N DPR A 8 5.31 5.63 2.79
CA DPR A 8 6.74 5.97 3.04
CB DPR A 8 7.04 7.13 2.08
CG DPR A 8 5.99 7.04 1.02
CD DPR A 8 4.76 6.39 1.65
C DPR A 8 7.68 4.79 2.77
O DPR A 8 7.37 3.94 1.93
HA DPR A 8 6.86 6.32 4.05
HB2 DPR A 8 6.96 8.07 2.61
HB3 DPR A 8 8.01 7.02 1.65
HG2 DPR A 8 5.75 8.03 0.66
HG3 DPR A 8 6.35 6.43 0.21
HD2 DPR A 8 4.07 7.14 1.99
HD3 DPR A 8 4.30 5.71 0.96
N PRO A 9 8.80 4.72 3.45
CA PRO A 9 9.78 3.60 3.24
C PRO A 9 9.10 2.24 3.23
N LYS A 10 7.83 2.23 3.61
CA LYS A 10 7.07 0.99 3.63
C LYS A 10 6.29 0.85 2.32
N ILE A 11 6.46 -0.31 1.67
CA ILE A 11 5.77 -0.56 0.41
C ILE A 11 4.86 -1.77 0.54
N ILE A 12 3.65 -1.54 1.05
CA ILE A 12 2.69 -2.61 1.19
C ILE A 12 1.65 -2.48 0.09
N PHE A 13 2.11 -2.61 -1.14
CA PHE A 13 1.23 -2.50 -2.31
C PHE A 13 0.22 -3.64 -2.28
N ASN A 14 -0.71 -3.57 -1.33
CA ASN A 14 -1.73 -4.60 -1.17
C ASN A 14 -2.94 -4.27 -2.03
N GLN A 15 -4.03 -5.01 -1.81
CA GLN A 15 -5.26 -4.79 -2.57
C GLN A 15 -6.27 -4.02 -1.76
N ARG A 16 -6.70 -4.60 -0.64
CA ARG A 16 -7.68 -3.96 0.24
C ARG A 16 -7.36 -2.47 0.38
N GLY A 1 -7.61 -1.18 0.04
CA GLY A 1 -7.58 0.28 0.08
C GLY A 1 -8.07 0.86 -1.24
N SER A 2 -8.04 2.18 -1.35
CA SER A 2 -8.47 2.85 -2.57
C SER A 2 -7.96 2.10 -3.79
N ARG A 3 -6.78 1.50 -3.65
CA ARG A 3 -6.18 0.75 -4.74
C ARG A 3 -4.88 0.10 -4.27
N ARG A 4 -4.35 0.62 -3.17
CA ARG A 4 -3.11 0.10 -2.60
C ARG A 4 -2.79 0.80 -1.30
N PHE A 5 -1.97 0.15 -0.47
CA PHE A 5 -1.56 0.72 0.80
C PHE A 5 -0.05 0.81 0.83
N ARG A 6 0.50 1.84 1.47
CA ARG A 6 1.95 1.97 1.52
C ARG A 6 2.35 3.07 2.50
N PHE A 7 3.46 2.83 3.20
CA PHE A 7 3.96 3.76 4.19
C PHE A 7 5.30 4.37 3.75
N DPR A 8 5.28 5.49 3.09
CA DPR A 8 6.52 6.17 2.61
CB DPR A 8 6.03 6.98 1.41
CG DPR A 8 4.61 7.34 1.74
CD DPR A 8 4.09 6.25 2.69
C DPR A 8 7.62 5.18 2.19
O DPR A 8 7.59 4.67 1.08
HA DPR A 8 6.88 6.85 3.37
HB2 DPR A 8 6.62 7.87 1.30
HB3 DPR A 8 6.06 6.38 0.53
HG2 DPR A 8 4.58 8.30 2.22
HG3 DPR A 8 4.03 7.34 0.84
HD2 DPR A 8 3.62 6.71 3.55
HD3 DPR A 8 3.38 5.61 2.18
N PRO A 9 8.58 4.92 3.05
CA PRO A 9 9.69 3.98 2.72
C PRO A 9 9.20 2.55 2.51
N LYS A 10 8.35 2.10 3.41
CA LYS A 10 7.79 0.75 3.32
C LYS A 10 6.76 0.68 2.20
N ILE A 11 6.56 -0.51 1.66
CA ILE A 11 5.59 -0.71 0.59
C ILE A 11 4.62 -1.83 0.96
N ILE A 12 3.34 -1.52 0.87
CA ILE A 12 2.28 -2.48 1.18
C ILE A 12 1.32 -2.52 0.01
N PHE A 13 1.87 -2.69 -1.19
CA PHE A 13 1.07 -2.73 -2.40
C PHE A 13 0.53 -4.13 -2.64
N ASN A 14 -0.19 -4.64 -1.64
CA ASN A 14 -0.76 -5.98 -1.73
C ASN A 14 -2.09 -6.06 -0.98
N GLN A 15 -2.20 -5.28 0.09
CA GLN A 15 -3.43 -5.25 0.88
C GLN A 15 -4.55 -4.55 0.13
N ARG A 16 -5.56 -4.10 0.86
CA ARG A 16 -6.70 -3.42 0.25
C ARG A 16 -6.53 -1.90 0.33
N GLY A 1 -7.76 -4.66 -5.47
CA GLY A 1 -9.14 -4.16 -5.41
C GLY A 1 -9.20 -2.83 -4.67
N SER A 2 -8.73 -2.83 -3.44
CA SER A 2 -8.74 -1.61 -2.62
C SER A 2 -7.58 -0.70 -3.04
N ARG A 3 -7.31 -0.65 -4.33
CA ARG A 3 -6.22 0.19 -4.84
C ARG A 3 -4.90 -0.21 -4.21
N ARG A 4 -3.96 0.74 -4.19
CA ARG A 4 -2.64 0.49 -3.61
C ARG A 4 -2.47 1.26 -2.30
N PHE A 5 -1.80 0.64 -1.33
CA PHE A 5 -1.55 1.29 -0.06
C PHE A 5 -0.04 1.36 0.21
N ARG A 6 0.60 2.38 -0.33
CA ARG A 6 2.03 2.54 -0.14
C ARG A 6 2.28 3.48 1.03
N PHE A 7 3.16 3.06 1.95
CA PHE A 7 3.47 3.88 3.12
C PHE A 7 4.93 4.32 3.16
N DPR A 8 5.27 5.39 2.49
CA DPR A 8 6.65 5.95 2.45
CB DPR A 8 6.70 6.62 1.09
CG DPR A 8 5.31 7.11 0.85
CD DPR A 8 4.37 6.22 1.67
C DPR A 8 7.75 4.88 2.58
O DPR A 8 8.12 4.25 1.59
HA DPR A 8 6.77 6.71 3.21
HB2 DPR A 8 7.40 7.45 1.09
HB3 DPR A 8 6.96 5.90 0.33
HG2 DPR A 8 5.22 8.14 1.18
HG3 DPR A 8 5.06 7.05 -0.19
HD2 DPR A 8 3.72 6.82 2.29
HD3 DPR A 8 3.78 5.59 1.01
N PRO A 9 8.28 4.66 3.77
CA PRO A 9 9.36 3.66 3.99
C PRO A 9 8.85 2.23 3.83
N LYS A 10 7.59 2.03 4.13
CA LYS A 10 6.98 0.72 4.01
C LYS A 10 6.28 0.59 2.66
N ILE A 11 6.23 -0.62 2.14
CA ILE A 11 5.59 -0.88 0.86
C ILE A 11 4.54 -1.98 1.00
N ILE A 12 3.28 -1.60 0.89
CA ILE A 12 2.19 -2.55 1.01
C ILE A 12 1.09 -2.21 0.01
N PHE A 13 1.39 -2.48 -1.26
CA PHE A 13 0.44 -2.23 -2.33
C PHE A 13 -0.23 -3.52 -2.76
N ASN A 14 0.19 -4.62 -2.15
CA ASN A 14 -0.37 -5.94 -2.45
C ASN A 14 -1.90 -5.88 -2.44
N GLN A 15 -2.46 -5.32 -1.38
CA GLN A 15 -3.91 -5.21 -1.26
C GLN A 15 -4.54 -4.85 -2.60
N ARG A 16 -5.10 -5.85 -3.28
CA ARG A 16 -5.73 -5.62 -4.58
C ARG A 16 -7.16 -5.13 -4.38
N GLY A 1 -8.88 -1.42 1.28
CA GLY A 1 -9.70 -0.22 1.36
C GLY A 1 -9.59 0.62 0.09
N SER A 2 -8.70 0.20 -0.80
CA SER A 2 -8.49 0.92 -2.06
C SER A 2 -7.57 0.13 -2.97
N ARG A 3 -6.56 0.81 -3.51
CA ARG A 3 -5.60 0.17 -4.40
C ARG A 3 -4.27 -0.06 -3.69
N ARG A 4 -3.19 0.42 -4.30
CA ARG A 4 -1.86 0.27 -3.71
C ARG A 4 -1.73 1.12 -2.45
N PHE A 5 -1.18 0.53 -1.39
CA PHE A 5 -0.98 1.24 -0.14
C PHE A 5 0.52 1.31 0.17
N ARG A 6 1.17 2.32 -0.37
CA ARG A 6 2.60 2.48 -0.15
C ARG A 6 2.82 3.47 0.98
N PHE A 7 3.68 3.10 1.94
CA PHE A 7 3.94 3.96 3.09
C PHE A 7 5.42 4.41 3.14
N DPR A 8 5.76 5.46 2.43
CA DPR A 8 7.14 6.03 2.40
CB DPR A 8 7.21 6.64 1.01
CG DPR A 8 5.81 7.12 0.73
CD DPR A 8 4.86 6.25 1.56
C DPR A 8 8.23 4.97 2.59
O DPR A 8 8.64 4.31 1.63
HA DPR A 8 7.24 6.81 3.13
HB2 DPR A 8 7.91 7.47 1.00
HB3 DPR A 8 7.50 5.90 0.28
HG2 DPR A 8 5.72 8.16 1.02
HG3 DPR A 8 5.59 7.00 -0.32
HD2 DPR A 8 4.20 6.88 2.16
HD3 DPR A 8 4.30 5.60 0.92
N PRO A 9 8.74 4.80 3.79
CA PRO A 9 9.82 3.81 4.08
C PRO A 9 9.34 2.37 3.94
N LYS A 10 8.08 2.15 4.28
CA LYS A 10 7.49 0.82 4.19
C LYS A 10 6.82 0.64 2.84
N ILE A 11 6.75 -0.60 2.39
CA ILE A 11 6.14 -0.91 1.10
C ILE A 11 5.07 -1.98 1.28
N ILE A 12 3.81 -1.59 1.13
CA ILE A 12 2.71 -2.53 1.27
C ILE A 12 1.64 -2.24 0.21
N PHE A 13 1.99 -2.54 -1.03
CA PHE A 13 1.09 -2.31 -2.14
C PHE A 13 0.36 -3.61 -2.48
N ASN A 14 -0.96 -3.55 -2.57
CA ASN A 14 -1.76 -4.72 -2.87
C ASN A 14 -3.22 -4.34 -3.09
N GLN A 15 -4.01 -4.40 -2.02
CA GLN A 15 -5.42 -4.06 -2.11
C GLN A 15 -6.06 -4.02 -0.73
N ARG A 16 -6.21 -2.82 -0.18
CA ARG A 16 -6.80 -2.67 1.14
C ARG A 16 -7.55 -1.33 1.23
N GLY A 1 -9.98 -3.56 -0.77
CA GLY A 1 -10.07 -2.83 0.50
C GLY A 1 -9.53 -1.41 0.34
N SER A 2 -8.73 -1.20 -0.69
CA SER A 2 -8.15 0.11 -0.95
C SER A 2 -6.98 0.02 -1.92
N ARG A 3 -6.73 1.11 -2.63
CA ARG A 3 -5.63 1.13 -3.61
C ARG A 3 -4.31 0.77 -2.94
N ARG A 4 -3.21 1.21 -3.54
CA ARG A 4 -1.89 0.93 -2.97
C ARG A 4 -1.48 2.02 -1.98
N PHE A 5 -1.01 1.59 -0.81
CA PHE A 5 -0.57 2.52 0.21
C PHE A 5 0.93 2.33 0.46
N ARG A 6 1.73 2.98 -0.36
CA ARG A 6 3.18 2.86 -0.24
C ARG A 6 3.69 4.00 0.63
N PHE A 7 4.52 3.67 1.61
CA PHE A 7 5.06 4.68 2.53
C PHE A 7 6.59 4.79 2.43
N DPR A 8 7.08 5.56 1.48
CA DPR A 8 8.54 5.78 1.27
CB DPR A 8 8.62 6.08 -0.21
CG DPR A 8 7.34 6.78 -0.54
CD DPR A 8 6.30 6.33 0.49
C DPR A 8 9.39 4.56 1.65
O DPR A 8 9.56 3.65 0.83
HA DPR A 8 8.87 6.66 1.82
HB2 DPR A 8 9.46 6.71 -0.43
HB3 DPR A 8 8.68 5.16 -0.78
HG2 DPR A 8 7.48 7.85 -0.47
HG3 DPR A 8 7.01 6.52 -1.52
HD2 DPR A 8 5.82 7.19 0.96
HD3 DPR A 8 5.57 5.70 0.03
N PRO A 9 9.94 4.53 2.83
CA PRO A 9 10.81 3.39 3.28
C PRO A 9 10.01 2.10 3.46
N LYS A 10 8.88 2.23 4.12
CA LYS A 10 8.02 1.08 4.36
C LYS A 10 7.19 0.78 3.12
N ILE A 11 6.77 -0.47 2.98
CA ILE A 11 5.97 -0.90 1.83
C ILE A 11 4.70 -1.60 2.29
N ILE A 12 3.56 -0.98 2.06
CA ILE A 12 2.29 -1.57 2.45
C ILE A 12 1.25 -1.30 1.36
N PHE A 13 1.41 -1.97 0.23
CA PHE A 13 0.48 -1.82 -0.88
C PHE A 13 -0.51 -2.97 -0.90
N ASN A 14 -1.79 -2.64 -1.01
CA ASN A 14 -2.84 -3.66 -1.02
C ASN A 14 -3.89 -3.34 -2.08
N GLN A 15 -4.68 -4.35 -2.45
CA GLN A 15 -5.73 -4.17 -3.44
C GLN A 15 -7.11 -4.11 -2.79
N ARG A 16 -7.83 -5.22 -2.86
CA ARG A 16 -9.17 -5.29 -2.27
C ARG A 16 -9.17 -4.60 -0.90
N GLY A 1 -7.25 -2.94 0.48
CA GLY A 1 -8.44 -2.12 0.30
C GLY A 1 -8.24 -1.09 -0.80
N SER A 2 -9.29 -0.89 -1.61
CA SER A 2 -9.21 0.08 -2.70
C SER A 2 -7.87 -0.02 -3.42
N ARG A 3 -7.26 1.14 -3.68
CA ARG A 3 -5.97 1.16 -4.36
C ARG A 3 -4.93 0.37 -3.57
N ARG A 4 -3.66 0.71 -3.75
CA ARG A 4 -2.58 0.02 -3.05
C ARG A 4 -2.39 0.61 -1.66
N PHE A 5 -1.61 -0.08 -0.83
CA PHE A 5 -1.35 0.38 0.53
C PHE A 5 0.13 0.73 0.69
N ARG A 6 0.65 1.51 -0.24
CA ARG A 6 2.05 1.93 -0.18
C ARG A 6 2.18 3.15 0.72
N PHE A 7 2.88 2.96 1.84
CA PHE A 7 3.05 4.02 2.82
C PHE A 7 4.51 4.48 2.91
N DPR A 8 4.91 5.48 2.16
CA DPR A 8 6.30 6.01 2.18
CB DPR A 8 6.44 6.62 0.78
CG DPR A 8 5.06 7.08 0.42
CD DPR A 8 4.07 6.22 1.20
C DPR A 8 7.37 4.93 2.41
O DPR A 8 7.75 4.23 1.48
HA DPR A 8 6.39 6.80 2.91
HB2 DPR A 8 7.13 7.45 0.81
HB3 DPR A 8 6.78 5.87 0.09
HG2 DPR A 8 4.95 8.13 0.69
HG3 DPR A 8 4.91 6.95 -0.64
HD2 DPR A 8 3.36 6.85 1.72
HD3 DPR A 8 3.56 5.54 0.55
N PRO A 9 7.85 4.78 3.63
CA PRO A 9 8.91 3.77 3.94
C PRO A 9 8.40 2.34 3.81
N LYS A 10 7.10 2.18 3.95
CA LYS A 10 6.49 0.87 3.84
C LYS A 10 5.83 0.69 2.47
N ILE A 11 6.18 -0.39 1.79
CA ILE A 11 5.62 -0.68 0.47
C ILE A 11 4.75 -1.92 0.54
N ILE A 12 3.49 -1.74 0.93
CA ILE A 12 2.57 -2.86 1.00
C ILE A 12 1.67 -2.83 -0.24
N PHE A 13 2.31 -3.01 -1.39
CA PHE A 13 1.61 -2.98 -2.67
C PHE A 13 0.59 -4.12 -2.74
N ASN A 14 0.47 -4.88 -1.64
CA ASN A 14 -0.45 -5.99 -1.58
C ASN A 14 -1.90 -5.50 -1.65
N GLN A 15 -2.84 -6.43 -1.61
CA GLN A 15 -4.26 -6.07 -1.67
C GLN A 15 -4.85 -6.03 -0.26
N ARG A 16 -5.31 -4.85 0.15
CA ARG A 16 -5.90 -4.69 1.48
C ARG A 16 -7.20 -3.91 1.39
N GLY A 1 -6.65 -2.58 -1.09
CA GLY A 1 -7.43 -1.96 -0.02
C GLY A 1 -7.59 -0.46 -0.26
N SER A 2 -8.67 -0.11 -0.96
CA SER A 2 -8.93 1.30 -1.27
C SER A 2 -7.71 1.95 -1.89
N ARG A 3 -7.60 1.87 -3.21
CA ARG A 3 -6.48 2.45 -3.92
C ARG A 3 -5.17 1.83 -3.45
N ARG A 4 -4.18 2.68 -3.17
CA ARG A 4 -2.88 2.20 -2.71
C ARG A 4 -2.27 3.19 -1.72
N PHE A 5 -1.89 2.68 -0.55
CA PHE A 5 -1.26 3.52 0.47
C PHE A 5 0.24 3.24 0.49
N ARG A 6 0.89 3.54 -0.62
CA ARG A 6 2.33 3.30 -0.73
C ARG A 6 3.10 4.33 0.09
N PHE A 7 3.90 3.85 1.04
CA PHE A 7 4.65 4.73 1.90
C PHE A 7 6.11 4.27 2.03
N DPR A 8 6.90 4.46 1.01
CA DPR A 8 8.35 4.09 0.99
CB DPR A 8 8.53 3.70 -0.47
CG DPR A 8 7.62 4.59 -1.24
CD DPR A 8 6.52 5.06 -0.27
C DPR A 8 8.72 2.95 1.94
O DPR A 8 8.69 1.77 1.55
HA DPR A 8 8.95 4.96 1.19
HB2 DPR A 8 9.56 3.85 -0.77
HB3 DPR A 8 8.25 2.66 -0.62
HG2 DPR A 8 8.17 5.45 -1.61
HG3 DPR A 8 7.17 4.06 -2.06
HD2 DPR A 8 6.51 6.15 -0.21
HD3 DPR A 8 5.56 4.69 -0.58
N PRO A 9 9.08 3.25 3.16
CA PRO A 9 9.49 2.23 4.17
C PRO A 9 8.42 1.18 4.46
N LYS A 10 7.23 1.38 3.92
CA LYS A 10 6.16 0.42 4.12
C LYS A 10 5.19 0.41 2.95
N ILE A 11 4.94 -0.80 2.43
CA ILE A 11 4.03 -0.98 1.29
C ILE A 11 2.66 -1.42 1.78
N ILE A 12 1.65 -0.59 1.56
CA ILE A 12 0.28 -0.93 1.95
C ILE A 12 -0.57 -1.09 0.71
N PHE A 13 -0.01 -1.78 -0.27
CA PHE A 13 -0.69 -2.05 -1.53
C PHE A 13 -0.61 -3.54 -1.82
N ASN A 14 0.32 -4.20 -1.15
CA ASN A 14 0.49 -5.63 -1.29
C ASN A 14 -0.86 -6.33 -1.36
N GLN A 15 -1.70 -6.06 -0.37
CA GLN A 15 -3.03 -6.67 -0.33
C GLN A 15 -4.11 -5.63 -0.65
N ARG A 16 -3.83 -4.80 -1.66
CA ARG A 16 -4.77 -3.76 -2.07
C ARG A 16 -5.47 -3.15 -0.86
#